data_7FNR
#
_entry.id   7FNR
#
_cell.length_a   88.617
_cell.length_b   81.853
_cell.length_c   93.475
_cell.angle_alpha   90
_cell.angle_beta   108.36
_cell.angle_gamma   90
#
_symmetry.space_group_name_H-M   'C 1 2 1'
#
loop_
_entity.id
_entity.type
_entity.pdbx_description
1 polymer 'Pre-mRNA-splicing factor 8'
2 polymer 'A1 cistron-splicing factor AAR2'
3 non-polymer N-[(4-methylphenyl)methyl]-3-oxobutanamide
4 water water
#
loop_
_entity_poly.entity_id
_entity_poly.type
_entity_poly.pdbx_seq_one_letter_code
_entity_poly.pdbx_strand_id
1 'polypeptide(L)'
;GAMNSSNYAELFNNDIKLFVDDTNVYRVTVHKTFEGNVATKAINGCIFTLNPKTGHLFLKIIHTSVWAGQKRLSQLAKWK
TAEEVSALVRSLPKEEQPKQIIVTRKAMLDPLEVHMLDFPNIAIRPTELRLPFSAAMSIDKLSDVVMKATEPQMVLFNIY
DDWLDRISSYTAFSRLTLLLRALKTNEESAKMILLSDPTITIKSYHLWPSFTDEQWITIESQMRDLILTEYGRKYNVNIS
ALTQTEIKDIILGQNIKA
;
A
2 'polypeptide(L)'
;GAMAMNTVPFTSAPIEVTIGIDQYSFNVKENQPFHGIKDIPIGHVHVIHFQHADNSSMRYGYWFDCRMGNFYIQYDPKDG
LYKMMEERDGAKFENIVHNFKERQMMVSYPKIDEDDTWYNLTEFVQMDKIRKIVRKDENQFSYVDSSMTTVQENELSSSS
SDPAHSLNYTVINFKSREAIRPGHEMEDFLDKSYYLNTVMLQGIFKNSSNYFGELQFAFLNAMFFGNYGSSLQWHAMIEL
ICSSATVPKHMLDKLDEILYYQIKTLPEQYSDILLNERVWNICLYSSFQKNSLHNTEKIMENKYPELL
;
B
#
loop_
_chem_comp.id
_chem_comp.type
_chem_comp.name
_chem_comp.formula
VXW non-polymer N-[(4-methylphenyl)methyl]-3-oxobutanamide 'C12 H15 N O2'
#
# COMPACT_ATOMS: atom_id res chain seq x y z
N GLY A 1 -5.98 -14.75 4.89
CA GLY A 1 -4.80 -14.06 5.39
C GLY A 1 -3.61 -14.99 5.61
N ALA A 2 -2.99 -14.91 6.78
CA ALA A 2 -1.75 -15.65 7.03
C ALA A 2 -2.04 -17.10 7.39
N MET A 3 -1.06 -17.96 7.08
CA MET A 3 -1.15 -19.39 7.28
C MET A 3 -0.48 -19.77 8.60
N ASN A 4 -1.20 -20.46 9.49
CA ASN A 4 -0.66 -20.74 10.82
C ASN A 4 -1.10 -22.13 11.27
N SER A 5 -0.86 -22.44 12.56
CA SER A 5 -1.21 -23.75 13.11
C SER A 5 -2.69 -24.05 12.99
N SER A 6 -3.53 -23.00 13.05
CA SER A 6 -4.97 -23.19 13.16
C SER A 6 -5.61 -23.63 11.84
N ASN A 7 -5.02 -23.26 10.70
CA ASN A 7 -5.54 -23.63 9.39
C ASN A 7 -4.56 -24.54 8.65
N TYR A 8 -3.91 -25.44 9.39
CA TYR A 8 -2.80 -26.23 8.87
C TYR A 8 -3.25 -27.35 7.94
N ALA A 9 -4.44 -27.92 8.16
CA ALA A 9 -4.94 -28.96 7.26
C ALA A 9 -5.29 -28.41 5.88
N GLU A 10 -5.38 -27.09 5.74
CA GLU A 10 -5.69 -26.50 4.46
C GLU A 10 -4.62 -26.83 3.42
N LEU A 11 -3.40 -27.05 3.86
CA LEU A 11 -2.31 -27.46 2.98
C LEU A 11 -2.63 -28.71 2.18
N PHE A 12 -3.44 -29.63 2.73
CA PHE A 12 -3.63 -30.94 2.13
C PHE A 12 -5.01 -31.12 1.53
N ASN A 13 -5.72 -30.03 1.31
CA ASN A 13 -7.00 -30.12 0.64
C ASN A 13 -6.75 -30.11 -0.86
N ASN A 14 -7.82 -30.06 -1.64
CA ASN A 14 -7.70 -30.27 -3.07
C ASN A 14 -7.63 -28.97 -3.90
N ASP A 15 -7.42 -27.81 -3.26
CA ASP A 15 -7.13 -26.55 -3.95
C ASP A 15 -5.61 -26.47 -4.19
N ILE A 16 -5.20 -26.36 -5.44
CA ILE A 16 -3.76 -26.37 -5.71
C ILE A 16 -3.11 -25.18 -5.04
N LYS A 17 -2.03 -25.43 -4.30
CA LYS A 17 -1.23 -24.34 -3.76
C LYS A 17 0.25 -24.67 -3.81
N LEU A 18 1.06 -23.63 -3.67
CA LEU A 18 2.51 -23.75 -3.68
C LEU A 18 3.09 -22.93 -2.56
N PHE A 19 4.03 -23.52 -1.83
CA PHE A 19 4.94 -22.76 -0.99
C PHE A 19 6.07 -22.24 -1.84
N VAL A 20 6.46 -20.98 -1.65
CA VAL A 20 7.69 -20.44 -2.25
C VAL A 20 8.64 -20.05 -1.15
N ASP A 21 9.85 -20.59 -1.17
CA ASP A 21 10.89 -20.18 -0.25
C ASP A 21 12.06 -19.57 -1.03
N ASP A 22 12.47 -18.36 -0.65
CA ASP A 22 13.55 -17.63 -1.32
C ASP A 22 14.86 -17.58 -0.55
N THR A 23 15.00 -18.35 0.52
N THR A 23 15.03 -18.41 0.49
CA THR A 23 16.19 -18.16 1.34
CA THR A 23 16.17 -18.29 1.41
C THR A 23 17.45 -18.41 0.52
C THR A 23 17.49 -18.78 0.81
N ASN A 24 17.45 -19.46 -0.32
CA ASN A 24 18.66 -19.93 -1.00
C ASN A 24 18.82 -19.34 -2.40
N VAL A 25 18.13 -18.26 -2.70
CA VAL A 25 18.24 -17.67 -4.03
C VAL A 25 19.57 -16.94 -4.17
N TYR A 26 19.88 -16.03 -3.24
CA TYR A 26 21.12 -15.25 -3.29
C TYR A 26 22.02 -15.78 -2.17
N ARG A 27 23.12 -16.42 -2.57
CA ARG A 27 24.02 -17.13 -1.68
C ARG A 27 25.42 -16.59 -1.92
N VAL A 28 26.15 -16.28 -0.85
CA VAL A 28 27.48 -15.70 -0.94
C VAL A 28 28.44 -16.35 0.05
N THR A 29 29.71 -16.35 -0.30
CA THR A 29 30.80 -16.50 0.65
C THR A 29 31.40 -15.11 0.90
N VAL A 30 31.67 -14.79 2.16
CA VAL A 30 32.31 -13.53 2.56
C VAL A 30 33.79 -13.81 2.79
N HIS A 31 34.67 -13.00 2.22
CA HIS A 31 36.11 -13.23 2.30
C HIS A 31 36.85 -11.91 2.35
N LYS A 32 38.17 -11.99 2.64
CA LYS A 32 39.03 -10.82 2.70
C LYS A 32 39.67 -10.55 1.34
N THR A 33 39.86 -9.26 1.04
CA THR A 33 40.59 -8.87 -0.17
C THR A 33 42.08 -8.73 0.14
N PHE A 34 42.89 -8.71 -0.92
CA PHE A 34 44.32 -8.58 -0.73
C PHE A 34 44.63 -7.38 0.14
N GLU A 35 43.87 -6.30 -0.01
CA GLU A 35 44.06 -5.07 0.76
C GLU A 35 43.46 -5.16 2.14
N GLY A 36 42.93 -6.33 2.52
CA GLY A 36 42.34 -6.49 3.83
C GLY A 36 40.94 -5.95 4.00
N ASN A 37 40.25 -5.67 2.90
CA ASN A 37 38.83 -5.35 2.98
C ASN A 37 38.02 -6.62 2.84
N VAL A 38 36.72 -6.49 2.90
CA VAL A 38 35.85 -7.65 2.79
C VAL A 38 35.06 -7.56 1.51
N ALA A 39 34.80 -8.73 0.94
CA ALA A 39 34.09 -8.86 -0.31
C ALA A 39 33.27 -10.14 -0.28
N THR A 40 32.23 -10.17 -1.09
CA THR A 40 31.44 -11.37 -1.25
C THR A 40 31.69 -11.98 -2.63
N LYS A 41 31.55 -13.29 -2.70
CA LYS A 41 31.52 -14.04 -3.95
C LYS A 41 30.24 -14.84 -3.96
N ALA A 42 29.39 -14.59 -4.95
CA ALA A 42 28.15 -15.33 -5.05
C ALA A 42 28.41 -16.77 -5.49
N ILE A 43 27.49 -17.65 -5.11
CA ILE A 43 27.48 -19.02 -5.63
C ILE A 43 26.08 -19.32 -6.10
N ASN A 44 25.92 -20.43 -6.83
CA ASN A 44 24.61 -20.72 -7.39
C ASN A 44 23.58 -20.86 -6.30
N GLY A 45 22.39 -20.37 -6.58
CA GLY A 45 21.24 -20.50 -5.68
C GLY A 45 20.06 -21.26 -6.26
N CYS A 46 18.92 -21.20 -5.57
CA CYS A 46 17.75 -21.88 -6.07
C CYS A 46 16.52 -21.28 -5.41
N ILE A 47 15.42 -21.22 -6.16
CA ILE A 47 14.08 -21.01 -5.61
C ILE A 47 13.50 -22.36 -5.25
N PHE A 48 12.90 -22.46 -4.07
CA PHE A 48 12.30 -23.69 -3.59
C PHE A 48 10.78 -23.48 -3.65
N THR A 49 10.15 -24.03 -4.69
CA THR A 49 8.70 -23.92 -4.90
C THR A 49 8.06 -25.29 -4.82
N LEU A 50 7.16 -25.50 -3.84
CA LEU A 50 6.74 -26.85 -3.45
C LEU A 50 5.22 -26.95 -3.34
N ASN A 51 4.64 -27.98 -3.99
CA ASN A 51 3.24 -28.33 -3.78
C ASN A 51 3.20 -29.28 -2.59
N PRO A 52 2.66 -28.86 -1.42
CA PRO A 52 2.70 -29.71 -0.21
C PRO A 52 1.82 -30.92 -0.27
N LYS A 53 0.83 -30.93 -1.16
CA LYS A 53 -0.07 -32.06 -1.32
C LYS A 53 0.57 -33.18 -2.15
N THR A 54 1.17 -32.83 -3.28
CA THR A 54 1.70 -33.82 -4.21
C THR A 54 3.18 -34.09 -4.02
N GLY A 55 3.91 -33.20 -3.36
CA GLY A 55 5.33 -33.36 -3.20
C GLY A 55 6.13 -32.81 -4.36
N HIS A 56 5.46 -32.30 -5.41
CA HIS A 56 6.18 -31.83 -6.59
C HIS A 56 6.95 -30.55 -6.26
N LEU A 57 8.25 -30.58 -6.55
CA LEU A 57 9.19 -29.51 -6.26
C LEU A 57 9.65 -28.93 -7.60
N PHE A 58 9.47 -27.64 -7.77
CA PHE A 58 9.93 -26.89 -8.93
C PHE A 58 11.18 -26.15 -8.48
N LEU A 59 12.35 -26.75 -8.73
CA LEU A 59 13.61 -26.19 -8.26
C LEU A 59 14.21 -25.32 -9.36
N LYS A 60 14.01 -24.01 -9.29
CA LYS A 60 14.58 -23.11 -10.27
C LYS A 60 16.01 -22.76 -9.82
N ILE A 61 16.99 -23.20 -10.58
CA ILE A 61 18.37 -22.89 -10.24
C ILE A 61 18.72 -21.47 -10.70
N ILE A 62 19.29 -20.70 -9.77
CA ILE A 62 19.69 -19.31 -9.96
C ILE A 62 21.20 -19.33 -10.15
N HIS A 63 21.62 -19.15 -11.39
CA HIS A 63 23.03 -19.13 -11.71
C HIS A 63 23.64 -17.77 -11.38
N THR A 64 24.89 -17.77 -10.92
CA THR A 64 25.50 -16.50 -10.46
C THR A 64 25.56 -15.42 -11.53
N SER A 65 25.47 -15.81 -12.80
CA SER A 65 25.50 -14.83 -13.88
C SER A 65 24.34 -13.86 -13.79
N VAL A 66 23.24 -14.23 -13.13
N VAL A 66 23.25 -14.27 -13.14
CA VAL A 66 22.11 -13.33 -13.06
CA VAL A 66 22.08 -13.40 -12.93
C VAL A 66 22.40 -12.10 -12.17
C VAL A 66 22.50 -12.09 -12.26
N TRP A 67 23.40 -12.17 -11.30
CA TRP A 67 23.76 -11.02 -10.48
C TRP A 67 24.80 -10.11 -11.14
N ALA A 68 25.36 -10.50 -12.28
CA ALA A 68 26.50 -9.74 -12.80
C ALA A 68 26.09 -8.30 -13.11
N GLY A 69 26.83 -7.35 -12.53
CA GLY A 69 26.59 -5.94 -12.82
C GLY A 69 25.38 -5.36 -12.16
N GLN A 70 24.76 -6.09 -11.26
CA GLN A 70 23.56 -5.65 -10.57
C GLN A 70 23.90 -5.11 -9.20
N LYS A 71 23.10 -4.17 -8.74
CA LYS A 71 23.23 -3.57 -7.42
C LYS A 71 22.13 -4.08 -6.50
N ARG A 72 22.35 -3.88 -5.20
CA ARG A 72 21.38 -4.20 -4.16
C ARG A 72 20.83 -5.62 -4.32
N LEU A 73 21.74 -6.59 -4.30
CA LEU A 73 21.36 -7.95 -4.72
C LEU A 73 20.31 -8.59 -3.80
N SER A 74 20.38 -8.39 -2.48
CA SER A 74 19.37 -8.98 -1.61
C SER A 74 17.96 -8.52 -2.00
N GLN A 75 17.83 -7.27 -2.43
CA GLN A 75 16.53 -6.77 -2.86
C GLN A 75 16.16 -7.35 -4.22
N LEU A 76 17.12 -7.32 -5.15
CA LEU A 76 16.89 -7.90 -6.47
C LEU A 76 16.47 -9.37 -6.38
N ALA A 77 17.06 -10.11 -5.44
CA ALA A 77 16.78 -11.54 -5.31
C ALA A 77 15.29 -11.80 -5.05
N LYS A 78 14.64 -10.94 -4.25
CA LYS A 78 13.20 -11.10 -4.03
C LYS A 78 12.41 -10.88 -5.31
N TRP A 79 12.74 -9.86 -6.10
CA TRP A 79 12.07 -9.58 -7.37
C TRP A 79 12.37 -10.65 -8.43
N LYS A 80 13.61 -11.12 -8.49
CA LYS A 80 13.97 -12.25 -9.35
C LYS A 80 13.18 -13.51 -8.97
N THR A 81 13.06 -13.80 -7.68
CA THR A 81 12.21 -14.90 -7.22
C THR A 81 10.78 -14.75 -7.74
N ALA A 82 10.21 -13.56 -7.50
CA ALA A 82 8.85 -13.27 -7.95
C ALA A 82 8.72 -13.37 -9.46
N GLU A 83 9.73 -12.90 -10.24
CA GLU A 83 9.69 -13.03 -11.69
C GLU A 83 9.62 -14.52 -12.08
N GLU A 84 10.50 -15.32 -11.50
CA GLU A 84 10.54 -16.76 -11.85
C GLU A 84 9.27 -17.52 -11.43
N VAL A 85 8.70 -17.22 -10.27
CA VAL A 85 7.44 -17.85 -9.85
C VAL A 85 6.33 -17.50 -10.84
N SER A 86 6.21 -16.22 -11.20
N SER A 86 6.21 -16.21 -11.17
CA SER A 86 5.15 -15.84 -12.14
CA SER A 86 5.20 -15.78 -12.14
C SER A 86 5.39 -16.46 -13.51
C SER A 86 5.39 -16.46 -13.50
N ALA A 87 6.65 -16.58 -13.95
CA ALA A 87 6.91 -17.30 -15.20
C ALA A 87 6.50 -18.77 -15.09
N LEU A 88 6.75 -19.39 -13.95
CA LEU A 88 6.36 -20.79 -13.77
C LEU A 88 4.85 -20.97 -13.86
N VAL A 89 4.09 -20.09 -13.18
CA VAL A 89 2.64 -20.16 -13.24
C VAL A 89 2.17 -20.00 -14.68
N ARG A 90 2.67 -18.99 -15.39
CA ARG A 90 2.19 -18.79 -16.76
C ARG A 90 2.53 -19.98 -17.65
N SER A 91 3.62 -20.69 -17.34
CA SER A 91 3.98 -21.89 -18.10
C SER A 91 3.06 -23.08 -17.81
N LEU A 92 2.24 -23.07 -16.69
CA LEU A 92 1.47 -24.27 -16.41
C LEU A 92 0.13 -24.17 -17.11
N PRO A 93 -0.47 -25.29 -17.51
CA PRO A 93 -1.86 -25.24 -17.96
C PRO A 93 -2.75 -24.60 -16.90
N LYS A 94 -3.84 -24.00 -17.36
CA LYS A 94 -4.77 -23.32 -16.44
C LYS A 94 -5.18 -24.22 -15.29
N GLU A 95 -5.59 -25.46 -15.58
CA GLU A 95 -6.07 -26.36 -14.54
C GLU A 95 -4.96 -26.82 -13.59
N GLU A 96 -3.69 -26.50 -13.87
CA GLU A 96 -2.60 -26.80 -12.94
C GLU A 96 -2.11 -25.57 -12.19
N GLN A 97 -2.59 -24.38 -12.55
CA GLN A 97 -2.11 -23.19 -11.86
C GLN A 97 -2.62 -23.15 -10.42
N PRO A 98 -1.82 -22.63 -9.50
CA PRO A 98 -2.22 -22.65 -8.10
C PRO A 98 -3.33 -21.63 -7.87
N LYS A 99 -4.16 -21.93 -6.87
N LYS A 99 -4.15 -21.92 -6.86
CA LYS A 99 -5.13 -20.97 -6.37
CA LYS A 99 -5.14 -20.97 -6.38
C LYS A 99 -4.56 -20.07 -5.29
C LYS A 99 -4.61 -20.11 -5.24
N GLN A 100 -3.57 -20.58 -4.56
CA GLN A 100 -2.84 -19.81 -3.56
C GLN A 100 -1.34 -20.04 -3.73
N ILE A 101 -0.57 -19.02 -3.38
CA ILE A 101 0.88 -19.14 -3.22
C ILE A 101 1.24 -18.60 -1.84
N ILE A 102 1.84 -19.45 -1.02
CA ILE A 102 2.27 -19.10 0.33
C ILE A 102 3.79 -18.85 0.33
N VAL A 103 4.20 -17.64 0.71
CA VAL A 103 5.62 -17.29 0.76
C VAL A 103 6.12 -17.52 2.17
N THR A 104 7.31 -18.10 2.30
CA THR A 104 7.77 -18.35 3.66
C THR A 104 8.36 -17.12 4.35
N ARG A 105 8.63 -16.03 3.62
CA ARG A 105 9.11 -14.78 4.23
C ARG A 105 8.29 -13.59 3.76
N LYS A 106 7.80 -12.78 4.71
CA LYS A 106 6.87 -11.69 4.39
C LYS A 106 7.44 -10.69 3.38
N ALA A 107 8.76 -10.56 3.29
CA ALA A 107 9.31 -9.62 2.32
C ALA A 107 9.08 -10.03 0.87
N MET A 108 8.65 -11.26 0.62
CA MET A 108 8.28 -11.69 -0.73
C MET A 108 6.86 -11.29 -1.12
N LEU A 109 6.03 -10.78 -0.18
CA LEU A 109 4.65 -10.51 -0.52
C LEU A 109 4.52 -9.49 -1.64
N ASP A 110 5.08 -8.29 -1.47
CA ASP A 110 4.84 -7.26 -2.46
C ASP A 110 5.49 -7.61 -3.80
N PRO A 111 6.72 -8.09 -3.83
CA PRO A 111 7.29 -8.50 -5.13
C PRO A 111 6.43 -9.53 -5.86
N LEU A 112 5.97 -10.56 -5.16
CA LEU A 112 5.13 -11.54 -5.82
C LEU A 112 3.78 -10.94 -6.22
N GLU A 113 3.15 -10.18 -5.33
CA GLU A 113 1.87 -9.58 -5.68
C GLU A 113 1.98 -8.74 -6.95
N VAL A 114 3.03 -7.94 -7.08
CA VAL A 114 3.18 -7.10 -8.26
C VAL A 114 3.42 -7.95 -9.51
N HIS A 115 4.27 -8.98 -9.41
CA HIS A 115 4.47 -9.84 -10.57
C HIS A 115 3.23 -10.64 -10.95
N MET A 116 2.30 -10.83 -10.04
CA MET A 116 1.13 -11.67 -10.32
C MET A 116 -0.12 -10.83 -10.55
N LEU A 117 0.03 -9.54 -10.91
CA LEU A 117 -1.16 -8.71 -11.09
C LEU A 117 -2.08 -9.25 -12.17
N ASP A 118 -1.51 -9.94 -13.16
CA ASP A 118 -2.26 -10.59 -14.22
C ASP A 118 -3.12 -11.75 -13.73
N PHE A 119 -2.88 -12.23 -12.50
CA PHE A 119 -3.59 -13.34 -11.91
C PHE A 119 -4.27 -12.88 -10.63
N PRO A 120 -5.35 -12.08 -10.74
CA PRO A 120 -5.97 -11.50 -9.53
C PRO A 120 -6.65 -12.51 -8.66
N ASN A 121 -6.99 -13.68 -9.19
CA ASN A 121 -7.64 -14.72 -8.43
C ASN A 121 -6.67 -15.67 -7.72
N ILE A 122 -5.36 -15.50 -7.88
CA ILE A 122 -4.39 -16.28 -7.12
C ILE A 122 -4.04 -15.51 -5.86
N ALA A 123 -4.37 -16.09 -4.70
CA ALA A 123 -4.11 -15.45 -3.42
C ALA A 123 -2.64 -15.62 -3.01
N ILE A 124 -2.02 -14.50 -2.66
CA ILE A 124 -0.64 -14.49 -2.17
C ILE A 124 -0.70 -14.30 -0.67
N ARG A 125 -0.16 -15.29 0.05
CA ARG A 125 -0.32 -15.43 1.48
C ARG A 125 1.01 -15.52 2.19
N PRO A 126 1.12 -14.89 3.37
CA PRO A 126 2.22 -15.19 4.28
C PRO A 126 1.94 -16.38 5.19
N THR A 127 2.89 -16.69 6.08
CA THR A 127 2.67 -17.75 7.06
C THR A 127 3.36 -17.41 8.37
N GLU A 128 2.74 -17.87 9.48
N GLU A 128 2.75 -17.84 9.48
CA GLU A 128 3.30 -17.76 10.83
CA GLU A 128 3.40 -17.72 10.77
C GLU A 128 4.09 -19.00 11.22
C GLU A 128 4.29 -18.91 11.10
N LEU A 129 4.15 -20.02 10.37
CA LEU A 129 5.03 -21.16 10.60
C LEU A 129 6.47 -20.80 10.28
N ARG A 130 7.39 -21.40 11.04
CA ARG A 130 8.82 -21.24 10.84
C ARG A 130 9.33 -22.49 10.12
N LEU A 131 9.06 -22.55 8.81
CA LEU A 131 9.33 -23.77 8.05
C LEU A 131 10.82 -23.90 7.71
N PRO A 132 11.34 -25.12 7.70
CA PRO A 132 12.78 -25.31 7.58
C PRO A 132 13.25 -25.45 6.15
N PHE A 133 12.63 -24.76 5.20
CA PHE A 133 12.95 -25.05 3.81
C PHE A 133 14.35 -24.57 3.45
N SER A 134 14.92 -23.64 4.22
CA SER A 134 16.32 -23.26 3.98
C SER A 134 17.23 -24.48 3.95
N ALA A 135 16.89 -25.50 4.72
CA ALA A 135 17.77 -26.68 4.70
C ALA A 135 17.65 -27.48 3.45
N ALA A 136 16.97 -27.03 2.40
CA ALA A 136 16.86 -27.86 1.20
C ALA A 136 18.23 -28.13 0.61
N MET A 137 19.17 -27.21 0.80
CA MET A 137 20.49 -27.41 0.25
C MET A 137 21.32 -28.37 1.07
N SER A 138 20.78 -28.91 2.16
CA SER A 138 21.39 -30.03 2.85
C SER A 138 20.98 -31.38 2.30
N ILE A 139 20.08 -31.41 1.31
CA ILE A 139 19.76 -32.62 0.58
C ILE A 139 20.77 -32.79 -0.54
N ASP A 140 21.61 -33.83 -0.44
CA ASP A 140 22.76 -33.96 -1.33
C ASP A 140 22.42 -33.79 -2.79
N LYS A 141 21.38 -34.48 -3.27
CA LYS A 141 21.13 -34.42 -4.71
C LYS A 141 20.64 -33.03 -5.15
N LEU A 142 19.95 -32.31 -4.29
CA LEU A 142 19.54 -30.96 -4.64
C LEU A 142 20.74 -30.02 -4.63
N SER A 143 21.54 -30.10 -3.59
CA SER A 143 22.76 -29.32 -3.55
C SER A 143 23.63 -29.59 -4.79
N ASP A 144 23.73 -30.85 -5.21
CA ASP A 144 24.62 -31.21 -6.31
C ASP A 144 24.16 -30.59 -7.62
N VAL A 145 22.85 -30.61 -7.89
CA VAL A 145 22.40 -30.08 -9.16
C VAL A 145 22.53 -28.56 -9.18
N VAL A 146 22.31 -27.88 -8.04
CA VAL A 146 22.49 -26.41 -8.00
C VAL A 146 23.95 -26.04 -8.27
N MET A 147 24.86 -26.76 -7.62
N MET A 147 24.88 -26.74 -7.61
N MET A 147 24.88 -26.73 -7.62
CA MET A 147 26.28 -26.42 -7.60
CA MET A 147 26.28 -26.34 -7.67
CA MET A 147 26.28 -26.30 -7.70
C MET A 147 26.96 -26.74 -8.93
C MET A 147 26.89 -26.62 -9.05
C MET A 147 26.89 -26.60 -9.07
N LYS A 148 26.41 -27.66 -9.74
CA LYS A 148 26.93 -28.00 -11.06
C LYS A 148 26.33 -27.17 -12.21
N ALA A 149 25.24 -26.43 -11.98
CA ALA A 149 24.63 -25.66 -13.04
C ALA A 149 25.60 -24.64 -13.61
N THR A 150 25.66 -24.58 -14.94
CA THR A 150 26.45 -23.61 -15.69
C THR A 150 25.57 -22.56 -16.34
N GLU A 151 24.26 -22.69 -16.20
CA GLU A 151 23.28 -21.79 -16.80
C GLU A 151 22.00 -21.89 -16.00
N PRO A 152 21.12 -20.90 -16.13
CA PRO A 152 19.78 -21.03 -15.51
C PRO A 152 19.07 -22.30 -15.94
N GLN A 153 18.40 -22.96 -14.99
CA GLN A 153 17.80 -24.26 -15.24
C GLN A 153 16.71 -24.50 -14.22
N MET A 154 15.61 -25.12 -14.65
CA MET A 154 14.53 -25.65 -13.80
C MET A 154 14.64 -27.17 -13.74
N VAL A 155 14.70 -27.73 -12.54
CA VAL A 155 14.74 -29.19 -12.33
C VAL A 155 13.56 -29.59 -11.45
N LEU A 156 12.84 -30.64 -11.86
CA LEU A 156 11.62 -31.08 -11.21
C LEU A 156 11.90 -32.33 -10.38
N PHE A 157 11.48 -32.30 -9.12
CA PHE A 157 11.64 -33.43 -8.21
C PHE A 157 10.31 -33.73 -7.55
N ASN A 158 10.20 -34.94 -6.99
CA ASN A 158 9.17 -35.20 -5.96
C ASN A 158 9.88 -35.34 -4.62
N ILE A 159 9.69 -34.34 -3.74
CA ILE A 159 10.44 -34.32 -2.48
C ILE A 159 9.97 -35.40 -1.50
N TYR A 160 8.89 -36.10 -1.81
CA TYR A 160 8.37 -37.19 -0.98
C TYR A 160 8.79 -38.56 -1.48
N ASP A 161 9.63 -38.64 -2.52
CA ASP A 161 9.95 -39.93 -3.16
C ASP A 161 8.62 -40.65 -3.41
N ASP A 162 8.46 -41.91 -2.99
CA ASP A 162 7.25 -42.68 -3.20
C ASP A 162 6.40 -42.76 -1.94
N TRP A 163 6.60 -41.83 -0.99
CA TRP A 163 5.95 -41.97 0.31
C TRP A 163 4.43 -41.99 0.18
N LEU A 164 3.87 -41.20 -0.74
CA LEU A 164 2.42 -41.09 -0.82
C LEU A 164 1.75 -42.41 -1.19
N ASP A 165 2.51 -43.40 -1.70
CA ASP A 165 1.95 -44.74 -1.89
C ASP A 165 1.53 -45.36 -0.57
N ARG A 166 2.17 -44.95 0.52
CA ARG A 166 1.93 -45.56 1.80
C ARG A 166 1.38 -44.64 2.88
N ILE A 167 1.56 -43.32 2.76
CA ILE A 167 1.12 -42.38 3.79
C ILE A 167 0.39 -41.23 3.14
N SER A 168 -0.31 -40.48 3.99
CA SER A 168 -1.04 -39.33 3.48
C SER A 168 -0.10 -38.14 3.29
N SER A 169 -0.61 -37.13 2.58
N SER A 169 -0.60 -37.09 2.63
CA SER A 169 0.17 -35.90 2.41
CA SER A 169 0.23 -35.92 2.42
C SER A 169 0.49 -35.29 3.76
C SER A 169 0.43 -35.13 3.70
N TYR A 170 -0.50 -35.22 4.65
CA TYR A 170 -0.24 -34.63 5.96
C TYR A 170 0.95 -35.31 6.61
N THR A 171 0.97 -36.65 6.62
CA THR A 171 2.08 -37.37 7.24
C THR A 171 3.38 -37.15 6.49
N ALA A 172 3.34 -37.13 5.15
CA ALA A 172 4.55 -36.91 4.35
C ALA A 172 5.13 -35.51 4.58
N PHE A 173 4.28 -34.49 4.64
CA PHE A 173 4.77 -33.16 4.95
C PHE A 173 5.38 -33.11 6.35
N SER A 174 4.74 -33.76 7.33
CA SER A 174 5.30 -33.80 8.69
C SER A 174 6.66 -34.50 8.72
N ARG A 175 6.80 -35.60 7.98
CA ARG A 175 8.11 -36.23 7.88
C ARG A 175 9.13 -35.31 7.24
N LEU A 176 8.74 -34.62 6.16
CA LEU A 176 9.67 -33.73 5.47
C LEU A 176 10.15 -32.61 6.38
N THR A 177 9.20 -31.97 7.08
CA THR A 177 9.61 -30.82 7.87
C THR A 177 10.44 -31.28 9.06
N LEU A 178 10.25 -32.50 9.52
CA LEU A 178 11.09 -33.01 10.61
C LEU A 178 12.50 -33.33 10.13
N LEU A 179 12.60 -33.99 8.99
CA LEU A 179 13.92 -34.20 8.38
C LEU A 179 14.65 -32.88 8.15
N LEU A 180 13.95 -31.87 7.63
CA LEU A 180 14.60 -30.61 7.31
C LEU A 180 14.93 -29.80 8.57
N ARG A 181 14.02 -29.79 9.55
CA ARG A 181 14.37 -29.18 10.83
C ARG A 181 15.62 -29.82 11.44
N ALA A 182 15.75 -31.15 11.35
CA ALA A 182 16.94 -31.82 11.89
C ALA A 182 18.19 -31.42 11.11
N LEU A 183 18.10 -31.47 9.79
CA LEU A 183 19.25 -31.11 8.98
C LEU A 183 19.67 -29.68 9.23
N LYS A 184 18.72 -28.83 9.63
CA LYS A 184 19.02 -27.42 9.88
C LYS A 184 19.66 -27.19 11.24
N THR A 185 19.25 -27.95 12.26
N THR A 185 19.25 -27.97 12.26
CA THR A 185 19.79 -27.74 13.59
CA THR A 185 19.78 -27.74 13.60
C THR A 185 21.16 -28.40 13.76
C THR A 185 21.13 -28.41 13.79
N ASN A 186 21.35 -29.57 13.17
CA ASN A 186 22.65 -30.26 13.27
C ASN A 186 22.80 -31.15 12.03
N GLU A 187 23.35 -30.57 10.97
CA GLU A 187 23.43 -31.26 9.69
C GLU A 187 24.25 -32.54 9.78
N GLU A 188 25.40 -32.50 10.44
CA GLU A 188 26.25 -33.68 10.50
C GLU A 188 25.51 -34.84 11.16
N SER A 189 24.96 -34.60 12.34
CA SER A 189 24.22 -35.64 13.04
C SER A 189 23.04 -36.13 12.20
N ALA A 190 22.24 -35.21 11.67
CA ALA A 190 21.12 -35.60 10.82
C ALA A 190 21.58 -36.55 9.72
N LYS A 191 22.63 -36.19 9.00
CA LYS A 191 23.07 -37.02 7.87
C LYS A 191 23.62 -38.36 8.36
N MET A 192 24.30 -38.36 9.51
CA MET A 192 24.73 -39.62 10.11
CA MET A 192 24.73 -39.62 10.11
C MET A 192 23.54 -40.55 10.35
N ILE A 193 22.47 -40.02 10.91
CA ILE A 193 21.28 -40.83 11.17
C ILE A 193 20.78 -41.45 9.87
N LEU A 194 20.75 -40.67 8.80
CA LEU A 194 20.06 -41.09 7.59
C LEU A 194 20.85 -42.16 6.84
N LEU A 195 22.19 -42.12 6.93
CA LEU A 195 23.04 -43.02 6.17
C LEU A 195 23.84 -43.97 7.07
N SER A 196 23.52 -44.05 8.35
CA SER A 196 24.31 -44.87 9.26
C SER A 196 24.36 -46.32 8.77
N ASP A 197 23.24 -46.85 8.28
CA ASP A 197 23.13 -48.27 7.95
C ASP A 197 23.41 -48.48 6.47
N PRO A 198 24.60 -48.98 6.08
CA PRO A 198 24.94 -49.03 4.65
C PRO A 198 23.98 -49.86 3.82
N THR A 199 23.18 -50.74 4.42
CA THR A 199 22.29 -51.60 3.66
C THR A 199 21.07 -50.86 3.13
N ILE A 200 20.73 -49.70 3.68
CA ILE A 200 19.58 -48.92 3.23
C ILE A 200 20.12 -47.88 2.26
N THR A 201 19.65 -47.93 1.02
CA THR A 201 20.19 -47.10 -0.03
C THR A 201 19.17 -46.05 -0.46
N ILE A 202 19.66 -45.08 -1.24
CA ILE A 202 18.84 -44.10 -1.93
C ILE A 202 18.71 -44.54 -3.38
N LYS A 203 17.49 -44.76 -3.83
CA LYS A 203 17.33 -45.15 -5.22
C LYS A 203 17.77 -44.01 -6.12
N SER A 204 18.24 -44.37 -7.32
CA SER A 204 18.71 -43.35 -8.24
C SER A 204 17.68 -42.24 -8.47
N TYR A 205 16.39 -42.61 -8.49
CA TYR A 205 15.32 -41.67 -8.78
C TYR A 205 14.68 -41.05 -7.51
N HIS A 206 15.34 -41.16 -6.36
CA HIS A 206 14.82 -40.66 -5.09
C HIS A 206 15.83 -39.73 -4.46
N LEU A 207 15.39 -39.04 -3.41
CA LEU A 207 16.25 -38.12 -2.67
C LEU A 207 16.64 -38.65 -1.30
N TRP A 208 15.77 -39.43 -0.69
CA TRP A 208 15.95 -40.00 0.63
C TRP A 208 16.10 -41.53 0.53
N PRO A 209 16.54 -42.18 1.60
CA PRO A 209 16.69 -43.63 1.60
C PRO A 209 15.39 -44.42 1.61
N SER A 210 15.51 -45.68 1.19
CA SER A 210 14.40 -46.61 1.03
C SER A 210 14.07 -47.32 2.36
N PHE A 211 13.57 -46.54 3.31
CA PHE A 211 13.22 -47.10 4.62
C PHE A 211 11.89 -47.81 4.57
N THR A 212 11.84 -48.99 5.23
CA THR A 212 10.55 -49.56 5.55
C THR A 212 9.80 -48.65 6.51
N ASP A 213 8.51 -48.97 6.67
CA ASP A 213 7.67 -48.23 7.61
C ASP A 213 8.25 -48.25 9.01
N GLU A 214 8.83 -49.38 9.42
CA GLU A 214 9.35 -49.50 10.77
C GLU A 214 10.65 -48.70 10.91
N GLN A 215 11.50 -48.78 9.90
CA GLN A 215 12.72 -47.99 9.91
C GLN A 215 12.41 -46.50 9.85
N TRP A 216 11.27 -46.11 9.27
CA TRP A 216 10.94 -44.67 9.27
C TRP A 216 10.56 -44.21 10.66
N ILE A 217 9.94 -45.10 11.45
CA ILE A 217 9.60 -44.71 12.81
C ILE A 217 10.85 -44.59 13.65
N THR A 218 11.78 -45.53 13.50
CA THR A 218 13.09 -45.40 14.13
C THR A 218 13.76 -44.09 13.72
N ILE A 219 13.84 -43.84 12.42
CA ILE A 219 14.46 -42.62 11.91
C ILE A 219 13.76 -41.38 12.48
N GLU A 220 12.45 -41.31 12.32
CA GLU A 220 11.71 -40.15 12.83
C GLU A 220 12.01 -39.91 14.30
N SER A 221 12.05 -41.00 15.08
N SER A 221 12.02 -41.00 15.09
CA SER A 221 12.36 -40.88 16.51
CA SER A 221 12.35 -40.87 16.51
C SER A 221 13.75 -40.29 16.71
C SER A 221 13.75 -40.28 16.69
N GLN A 222 14.74 -40.81 15.97
CA GLN A 222 16.10 -40.32 16.15
C GLN A 222 16.20 -38.83 15.83
N MET A 223 15.43 -38.35 14.84
CA MET A 223 15.49 -36.93 14.48
C MET A 223 14.90 -36.05 15.55
N ARG A 224 13.79 -36.49 16.16
N ARG A 224 13.83 -36.50 16.20
CA ARG A 224 13.24 -35.78 17.31
CA ARG A 224 13.25 -35.74 17.30
C ARG A 224 14.25 -35.68 18.44
C ARG A 224 14.20 -35.68 18.49
N ASP A 225 14.89 -36.80 18.77
CA ASP A 225 15.94 -36.77 19.80
CA ASP A 225 15.94 -36.78 19.80
C ASP A 225 16.99 -35.69 19.49
N LEU A 226 17.55 -35.73 18.28
CA LEU A 226 18.52 -34.72 17.84
C LEU A 226 18.01 -33.31 18.08
N ILE A 227 16.77 -33.02 17.64
CA ILE A 227 16.26 -31.67 17.74
C ILE A 227 16.10 -31.25 19.20
N LEU A 228 15.66 -32.17 20.05
CA LEU A 228 15.60 -31.87 21.47
C LEU A 228 17.00 -31.75 22.07
N THR A 229 17.86 -32.74 21.80
CA THR A 229 19.28 -32.67 22.12
C THR A 229 19.82 -31.26 21.83
N GLU A 230 20.08 -30.95 20.56
CA GLU A 230 20.56 -29.63 20.17
C GLU A 230 19.84 -28.51 20.90
N TYR A 231 18.54 -28.68 21.14
CA TYR A 231 17.80 -27.67 21.87
C TYR A 231 18.28 -27.55 23.30
N GLY A 232 18.83 -28.64 23.85
CA GLY A 232 19.47 -28.60 25.14
C GLY A 232 20.91 -28.14 25.06
N ARG A 233 21.70 -28.74 24.17
CA ARG A 233 23.05 -28.25 23.94
C ARG A 233 23.06 -26.75 23.72
N LYS A 234 21.98 -26.20 23.15
CA LYS A 234 21.92 -24.77 22.88
C LYS A 234 21.58 -23.99 24.14
N TYR A 235 20.46 -24.32 24.79
CA TYR A 235 19.97 -23.60 25.95
C TYR A 235 20.49 -24.19 27.28
N ASN A 236 21.24 -25.28 27.23
CA ASN A 236 21.71 -25.96 28.43
C ASN A 236 20.51 -26.36 29.31
N VAL A 237 19.89 -27.49 29.00
CA VAL A 237 18.70 -27.98 29.72
C VAL A 237 18.77 -29.50 29.93
N MET B 5 -15.88 42.61 -4.06
CA MET B 5 -16.23 41.79 -2.86
C MET B 5 -17.69 41.26 -2.89
N ASN B 6 -17.84 39.94 -2.86
CA ASN B 6 -19.14 39.32 -3.03
C ASN B 6 -19.76 38.91 -1.70
N THR B 7 -21.03 38.54 -1.77
CA THR B 7 -21.86 38.34 -0.59
C THR B 7 -22.65 37.04 -0.75
N VAL B 8 -22.76 36.30 0.34
CA VAL B 8 -23.63 35.14 0.41
C VAL B 8 -24.63 35.39 1.52
N PRO B 9 -25.83 35.89 1.18
CA PRO B 9 -26.83 36.14 2.22
C PRO B 9 -27.50 34.85 2.69
N PHE B 10 -28.02 34.93 3.91
CA PHE B 10 -28.79 33.86 4.55
C PHE B 10 -30.22 34.32 4.74
N THR B 11 -31.18 33.46 4.42
CA THR B 11 -32.57 33.82 4.67
C THR B 11 -32.82 34.00 6.17
N SER B 12 -32.25 33.12 6.99
CA SER B 12 -32.45 33.11 8.43
C SER B 12 -31.50 32.07 9.02
N ALA B 13 -31.45 32.02 10.35
CA ALA B 13 -30.69 30.99 11.09
C ALA B 13 -31.57 30.31 12.12
N PRO B 14 -32.46 29.44 11.68
CA PRO B 14 -33.41 28.83 12.64
C PRO B 14 -32.76 27.88 13.63
N ILE B 15 -31.58 27.32 13.34
CA ILE B 15 -30.98 26.42 14.32
C ILE B 15 -29.57 26.84 14.62
N GLU B 16 -29.20 26.60 15.88
CA GLU B 16 -27.89 26.92 16.39
C GLU B 16 -26.86 26.08 15.67
N VAL B 17 -25.86 26.74 15.07
CA VAL B 17 -24.93 26.08 14.14
C VAL B 17 -23.62 26.84 14.18
N THR B 18 -22.48 26.12 14.09
CA THR B 18 -21.15 26.74 13.94
C THR B 18 -21.02 26.90 12.41
N ILE B 19 -20.78 28.12 11.92
CA ILE B 19 -20.64 28.43 10.48
C ILE B 19 -19.14 28.66 10.24
N GLY B 20 -18.65 28.19 9.11
CA GLY B 20 -17.25 28.31 8.71
C GLY B 20 -17.12 29.04 7.40
N ILE B 21 -16.18 29.93 7.23
CA ILE B 21 -15.98 30.46 5.86
C ILE B 21 -14.48 30.30 5.61
N ASP B 22 -14.10 29.30 4.80
CA ASP B 22 -12.71 28.81 4.58
C ASP B 22 -12.11 28.52 5.96
N GLN B 23 -10.91 28.99 6.34
CA GLN B 23 -10.30 28.71 7.64
C GLN B 23 -11.04 29.37 8.81
N TYR B 24 -11.84 30.41 8.60
CA TYR B 24 -12.54 31.14 9.69
C TYR B 24 -13.83 30.43 10.13
N SER B 25 -14.18 30.50 11.41
CA SER B 25 -15.46 29.98 11.90
C SER B 25 -16.01 30.84 13.04
N PHE B 26 -17.34 30.88 13.17
CA PHE B 26 -18.07 31.67 14.18
C PHE B 26 -19.36 30.90 14.52
N ASN B 27 -19.95 31.21 15.67
CA ASN B 27 -21.12 30.56 16.23
C ASN B 27 -22.35 31.43 16.02
N VAL B 28 -23.45 30.81 15.58
CA VAL B 28 -24.73 31.50 15.43
C VAL B 28 -25.78 30.82 16.31
N LYS B 29 -26.48 31.60 17.14
CA LYS B 29 -27.43 31.00 18.07
C LYS B 29 -28.79 30.75 17.39
N GLU B 30 -29.57 29.85 17.98
CA GLU B 30 -30.88 29.52 17.43
C GLU B 30 -31.75 30.77 17.30
N ASN B 31 -32.19 31.05 16.08
CA ASN B 31 -33.02 32.23 15.78
C ASN B 31 -32.29 33.54 16.07
N GLN B 32 -30.97 33.53 15.99
CA GLN B 32 -30.23 34.78 16.05
C GLN B 32 -30.39 35.53 14.72
N PRO B 33 -30.45 36.88 14.75
CA PRO B 33 -30.66 37.69 13.52
C PRO B 33 -29.45 37.82 12.60
N PHE B 34 -29.13 36.70 11.95
CA PHE B 34 -27.96 36.58 11.09
C PHE B 34 -28.42 36.45 9.65
N HIS B 35 -27.89 37.30 8.76
CA HIS B 35 -28.31 37.26 7.37
C HIS B 35 -27.15 37.11 6.39
N GLY B 36 -25.98 36.67 6.86
CA GLY B 36 -25.01 36.18 5.91
C GLY B 36 -23.62 36.75 6.09
N ILE B 37 -22.82 36.55 5.04
CA ILE B 37 -21.39 36.82 5.03
C ILE B 37 -21.11 37.74 3.84
N LYS B 38 -20.41 38.84 4.10
CA LYS B 38 -20.11 39.85 3.09
C LYS B 38 -18.60 39.98 2.92
N ASP B 39 -18.16 40.81 1.94
CA ASP B 39 -16.74 41.11 1.71
C ASP B 39 -15.94 39.85 1.34
N ILE B 40 -16.55 38.92 0.62
CA ILE B 40 -15.87 37.66 0.29
C ILE B 40 -14.95 37.91 -0.89
N PRO B 41 -13.65 37.62 -0.78
CA PRO B 41 -12.71 37.91 -1.87
C PRO B 41 -13.09 37.19 -3.15
N ILE B 42 -13.20 38.00 -4.19
CA ILE B 42 -13.36 37.50 -5.55
C ILE B 42 -12.02 36.96 -6.05
N GLY B 43 -12.09 35.87 -6.79
CA GLY B 43 -10.92 35.36 -7.49
C GLY B 43 -10.47 34.02 -7.01
N HIS B 44 -11.12 33.52 -5.94
CA HIS B 44 -10.76 32.27 -5.31
C HIS B 44 -12.02 31.45 -5.21
N VAL B 45 -11.85 30.14 -5.15
N VAL B 45 -11.87 30.12 -5.24
CA VAL B 45 -12.92 29.25 -4.76
CA VAL B 45 -12.98 29.32 -4.75
C VAL B 45 -13.07 29.29 -3.24
C VAL B 45 -13.14 29.61 -3.27
N HIS B 46 -14.30 29.27 -2.75
CA HIS B 46 -14.58 29.35 -1.33
C HIS B 46 -15.36 28.11 -0.89
N VAL B 47 -15.38 27.88 0.41
CA VAL B 47 -16.22 26.85 0.99
C VAL B 47 -16.95 27.46 2.20
N ILE B 48 -18.28 27.34 2.23
N ILE B 48 -18.29 27.37 2.23
CA ILE B 48 -19.11 27.76 3.39
CA ILE B 48 -19.11 27.78 3.40
C ILE B 48 -19.50 26.44 4.04
C ILE B 48 -19.48 26.44 4.04
N HIS B 49 -19.10 26.26 5.39
CA HIS B 49 -19.50 24.85 5.86
C HIS B 49 -20.14 24.99 7.23
N PHE B 50 -20.80 23.95 7.70
CA PHE B 50 -21.56 24.02 8.96
C PHE B 50 -21.39 22.79 9.84
N GLN B 51 -21.62 22.97 11.14
CA GLN B 51 -21.69 21.91 12.16
C GLN B 51 -22.83 22.30 13.10
N HIS B 52 -23.94 21.56 13.10
CA HIS B 52 -25.10 21.85 13.99
C HIS B 52 -24.67 21.74 15.46
N ALA B 53 -25.18 22.62 16.33
CA ALA B 53 -24.89 22.55 17.75
C ALA B 53 -25.40 21.26 18.36
N ASP B 54 -26.54 20.78 17.91
CA ASP B 54 -27.16 19.63 18.56
C ASP B 54 -26.52 18.33 18.11
N ASN B 55 -26.20 18.23 16.83
CA ASN B 55 -25.63 17.03 16.24
C ASN B 55 -24.32 17.43 15.58
N SER B 56 -23.24 17.39 16.34
CA SER B 56 -21.91 17.57 15.77
C SER B 56 -21.59 16.52 14.73
N SER B 57 -22.39 15.46 14.64
CA SER B 57 -22.23 14.51 13.56
C SER B 57 -22.62 15.17 12.24
N MET B 58 -21.85 14.88 11.16
N MET B 58 -21.85 14.88 11.17
CA MET B 58 -22.05 15.33 9.74
CA MET B 58 -22.03 15.34 9.75
C MET B 58 -21.62 16.80 9.52
C MET B 58 -21.60 16.80 9.52
N ARG B 59 -20.21 16.99 9.61
CA ARG B 59 -19.91 18.45 9.19
C ARG B 59 -20.11 18.42 7.69
N TYR B 60 -20.77 19.41 7.10
CA TYR B 60 -21.00 19.43 5.64
C TYR B 60 -20.76 20.84 5.14
N GLY B 61 -20.93 21.11 3.82
CA GLY B 61 -20.64 22.43 3.27
C GLY B 61 -20.71 22.48 1.76
N TYR B 62 -20.47 23.69 1.22
CA TYR B 62 -20.64 23.94 -0.20
C TYR B 62 -19.42 24.66 -0.72
N TRP B 63 -18.83 24.14 -1.80
CA TRP B 63 -17.78 24.80 -2.55
C TRP B 63 -18.41 25.67 -3.63
N PHE B 64 -17.93 26.91 -3.77
CA PHE B 64 -18.55 27.83 -4.70
C PHE B 64 -17.54 28.91 -5.10
N ASP B 65 -17.92 29.65 -6.15
CA ASP B 65 -17.13 30.72 -6.77
C ASP B 65 -18.14 31.77 -7.16
N CYS B 66 -18.10 32.90 -6.47
CA CYS B 66 -19.06 34.00 -6.65
C CYS B 66 -19.08 34.55 -8.08
N ARG B 67 -18.04 34.31 -8.85
CA ARG B 67 -18.06 34.72 -10.24
C ARG B 67 -19.05 33.91 -11.07
N MET B 68 -19.49 32.76 -10.59
N MET B 68 -19.48 32.76 -10.58
CA MET B 68 -20.34 31.87 -11.36
CA MET B 68 -20.33 31.85 -11.34
C MET B 68 -21.83 32.02 -11.05
C MET B 68 -21.83 32.02 -11.04
N GLY B 69 -22.20 32.97 -10.22
CA GLY B 69 -23.60 33.22 -9.96
C GLY B 69 -23.78 33.86 -8.59
N ASN B 70 -25.05 34.19 -8.30
CA ASN B 70 -25.47 34.71 -7.00
C ASN B 70 -25.99 33.57 -6.15
N PHE B 71 -25.34 33.31 -5.03
CA PHE B 71 -25.69 32.19 -4.18
C PHE B 71 -26.11 32.68 -2.81
N TYR B 72 -27.02 31.95 -2.19
CA TYR B 72 -27.49 32.24 -0.85
C TYR B 72 -27.73 30.94 -0.10
N ILE B 73 -27.87 31.04 1.22
CA ILE B 73 -28.18 29.91 2.10
C ILE B 73 -29.59 30.04 2.69
N GLN B 74 -30.29 28.91 2.77
CA GLN B 74 -31.61 28.88 3.34
C GLN B 74 -31.75 27.55 4.05
N TYR B 75 -32.14 27.59 5.32
CA TYR B 75 -32.39 26.38 6.08
C TYR B 75 -33.63 25.67 5.54
N ASP B 76 -33.53 24.36 5.41
CA ASP B 76 -34.67 23.53 5.01
C ASP B 76 -35.12 22.68 6.21
N PRO B 77 -36.29 22.93 6.80
CA PRO B 77 -36.67 22.19 8.02
C PRO B 77 -37.08 20.76 7.75
N LYS B 78 -37.22 20.38 6.47
CA LYS B 78 -37.62 19.01 6.15
C LYS B 78 -36.40 18.13 6.07
N ASP B 79 -35.41 18.55 5.26
CA ASP B 79 -34.15 17.82 5.19
C ASP B 79 -33.21 18.19 6.31
N GLY B 80 -33.51 19.24 7.06
CA GLY B 80 -32.77 19.51 8.29
C GLY B 80 -31.35 20.02 8.04
N LEU B 81 -31.16 20.81 7.01
CA LEU B 81 -29.84 21.39 6.86
C LEU B 81 -29.90 22.73 6.16
N TYR B 82 -28.82 23.47 6.33
CA TYR B 82 -28.63 24.71 5.58
C TYR B 82 -28.27 24.37 4.14
N LYS B 83 -29.08 24.84 3.18
CA LYS B 83 -28.84 24.50 1.79
C LYS B 83 -28.36 25.73 1.01
N MET B 84 -27.41 25.51 0.13
CA MET B 84 -27.02 26.57 -0.80
C MET B 84 -27.99 26.55 -1.97
N MET B 85 -28.36 27.74 -2.45
CA MET B 85 -29.21 27.87 -3.61
C MET B 85 -28.70 29.01 -4.49
N GLU B 86 -29.06 28.97 -5.78
CA GLU B 86 -28.75 30.05 -6.72
C GLU B 86 -29.98 30.95 -6.91
N GLU B 87 -29.75 32.26 -6.86
CA GLU B 87 -30.77 33.25 -7.19
C GLU B 87 -30.50 33.73 -8.61
N ARG B 88 -31.44 33.45 -9.52
CA ARG B 88 -31.26 33.82 -10.92
C ARG B 88 -31.74 35.25 -11.22
N ASP B 89 -32.56 35.85 -10.35
CA ASP B 89 -33.03 37.22 -10.53
C ASP B 89 -32.02 38.21 -9.93
N GLY B 90 -31.23 38.84 -10.79
CA GLY B 90 -30.13 39.66 -10.30
C GLY B 90 -30.57 40.88 -9.49
N ALA B 91 -31.72 41.46 -9.83
CA ALA B 91 -32.17 42.67 -9.15
C ALA B 91 -32.81 42.35 -7.81
N LYS B 92 -33.48 41.20 -7.73
CA LYS B 92 -33.92 40.70 -6.44
C LYS B 92 -32.74 40.52 -5.50
N PHE B 93 -31.68 39.86 -5.98
CA PHE B 93 -30.52 39.56 -5.15
C PHE B 93 -29.83 40.83 -4.67
N GLU B 94 -29.52 41.76 -5.59
CA GLU B 94 -28.88 43.00 -5.16
C GLU B 94 -29.71 43.70 -4.10
N ASN B 95 -31.04 43.67 -4.26
CA ASN B 95 -31.90 44.38 -3.32
C ASN B 95 -31.92 43.68 -1.97
N ILE B 96 -31.92 42.35 -1.97
CA ILE B 96 -31.81 41.60 -0.72
C ILE B 96 -30.51 41.96 0.00
N VAL B 97 -29.38 41.85 -0.70
CA VAL B 97 -28.11 42.04 -0.04
C VAL B 97 -27.99 43.47 0.49
N HIS B 98 -28.37 44.46 -0.32
CA HIS B 98 -28.25 45.84 0.11
C HIS B 98 -29.05 46.11 1.39
N ASN B 99 -30.28 45.57 1.49
CA ASN B 99 -31.06 45.74 2.71
C ASN B 99 -30.33 45.14 3.91
N PHE B 100 -29.88 43.88 3.79
CA PHE B 100 -29.18 43.22 4.91
C PHE B 100 -27.90 43.96 5.27
N LYS B 101 -27.19 44.49 4.28
CA LYS B 101 -26.01 45.30 4.59
C LYS B 101 -26.40 46.59 5.29
N GLU B 102 -27.45 47.27 4.81
CA GLU B 102 -27.87 48.51 5.45
C GLU B 102 -28.24 48.28 6.90
N ARG B 103 -28.82 47.13 7.22
CA ARG B 103 -29.17 46.82 8.60
C ARG B 103 -28.04 46.08 9.34
N GLN B 104 -26.88 45.92 8.71
CA GLN B 104 -25.66 45.39 9.36
C GLN B 104 -25.91 44.02 10.00
N MET B 105 -26.61 43.16 9.28
CA MET B 105 -26.89 41.83 9.81
C MET B 105 -25.98 40.76 9.17
N MET B 106 -24.78 41.17 8.70
CA MET B 106 -23.86 40.25 8.06
C MET B 106 -22.49 40.32 8.70
N VAL B 107 -21.84 39.19 8.82
CA VAL B 107 -20.44 39.16 9.22
C VAL B 107 -19.56 39.44 8.01
N SER B 108 -18.39 40.01 8.28
CA SER B 108 -17.44 40.36 7.24
C SER B 108 -16.40 39.24 7.13
N TYR B 109 -16.18 38.77 5.92
CA TYR B 109 -15.10 37.82 5.69
C TYR B 109 -13.82 38.42 6.26
N PRO B 110 -13.23 37.83 7.27
CA PRO B 110 -12.33 38.61 8.10
C PRO B 110 -10.89 38.46 7.72
N LYS B 111 -10.51 38.92 6.52
CA LYS B 111 -9.19 38.66 5.99
C LYS B 111 -8.22 39.77 6.40
N ILE B 112 -7.10 39.35 6.97
CA ILE B 112 -5.96 40.20 7.29
C ILE B 112 -5.17 40.47 6.01
N ASP B 113 -4.78 41.72 5.82
CA ASP B 113 -4.25 42.14 4.52
C ASP B 113 -2.96 41.41 4.19
N GLU B 114 -2.08 41.21 5.19
CA GLU B 114 -0.85 40.46 5.01
C GLU B 114 -1.07 39.00 4.61
N ASP B 115 -2.27 38.46 4.81
CA ASP B 115 -2.45 37.03 4.93
C ASP B 115 -2.79 36.39 3.60
N ASP B 116 -1.90 35.52 3.12
CA ASP B 116 -2.12 34.79 1.88
C ASP B 116 -2.55 33.35 2.13
N THR B 117 -2.98 33.02 3.35
CA THR B 117 -3.27 31.63 3.68
C THR B 117 -4.24 30.99 2.70
N TRP B 118 -5.38 31.63 2.44
CA TRP B 118 -6.38 30.96 1.61
C TRP B 118 -5.87 30.78 0.17
N TYR B 119 -5.32 31.84 -0.41
CA TYR B 119 -4.71 31.70 -1.72
C TYR B 119 -3.74 30.54 -1.75
N ASN B 120 -2.89 30.43 -0.71
CA ASN B 120 -1.86 29.40 -0.76
C ASN B 120 -2.47 28.00 -0.63
N LEU B 121 -3.66 27.88 -0.04
CA LEU B 121 -4.31 26.59 0.11
C LEU B 121 -5.14 26.18 -1.10
N THR B 122 -5.49 27.15 -1.95
CA THR B 122 -6.42 26.95 -3.08
C THR B 122 -5.79 27.38 -4.39
N GLU B 123 -4.46 27.54 -4.43
CA GLU B 123 -3.76 28.11 -5.59
C GLU B 123 -4.16 27.41 -6.88
N PHE B 124 -4.21 26.08 -6.90
CA PHE B 124 -4.53 25.33 -8.11
C PHE B 124 -5.95 24.79 -8.16
N VAL B 125 -6.81 25.17 -7.23
CA VAL B 125 -8.17 24.63 -7.15
C VAL B 125 -9.10 25.48 -8.02
N GLN B 126 -9.86 24.81 -8.89
N GLN B 126 -9.79 24.82 -8.95
CA GLN B 126 -10.74 25.46 -9.85
CA GLN B 126 -10.75 25.42 -9.85
C GLN B 126 -12.13 24.83 -9.80
C GLN B 126 -12.13 24.83 -9.62
N MET B 127 -13.17 25.68 -9.68
CA MET B 127 -14.53 25.17 -9.56
C MET B 127 -14.87 24.16 -10.64
N ASP B 128 -14.38 24.36 -11.86
CA ASP B 128 -14.78 23.42 -12.89
C ASP B 128 -14.26 22.02 -12.58
N LYS B 129 -13.09 21.91 -11.95
CA LYS B 129 -12.57 20.58 -11.62
C LYS B 129 -13.29 20.00 -10.40
N ILE B 130 -13.61 20.85 -9.41
CA ILE B 130 -14.41 20.40 -8.27
C ILE B 130 -15.69 19.75 -8.75
N ARG B 131 -16.32 20.35 -9.78
CA ARG B 131 -17.64 19.87 -10.18
C ARG B 131 -17.56 18.55 -10.94
N LYS B 132 -16.36 18.14 -11.36
CA LYS B 132 -16.17 16.81 -11.94
C LYS B 132 -15.80 15.77 -10.89
N ILE B 133 -15.20 16.20 -9.78
CA ILE B 133 -15.06 15.31 -8.64
C ILE B 133 -16.41 15.12 -7.94
N VAL B 134 -17.19 16.20 -7.76
CA VAL B 134 -18.50 16.17 -7.12
C VAL B 134 -19.55 16.39 -8.19
N ARG B 135 -20.26 15.34 -8.60
CA ARG B 135 -21.12 15.42 -9.79
C ARG B 135 -22.55 15.74 -9.38
N LYS B 136 -22.98 16.97 -9.66
CA LYS B 136 -24.38 17.39 -9.47
C LYS B 136 -24.66 18.54 -10.44
N ASP B 137 -24.81 18.19 -11.71
CA ASP B 137 -24.61 19.16 -12.77
C ASP B 137 -25.66 20.27 -12.80
N GLU B 138 -26.76 20.12 -12.06
CA GLU B 138 -27.77 21.18 -12.05
C GLU B 138 -27.41 22.36 -11.15
N ASN B 139 -26.38 22.24 -10.32
CA ASN B 139 -25.94 23.35 -9.49
C ASN B 139 -24.52 23.76 -9.86
N GLN B 140 -24.25 25.07 -9.68
CA GLN B 140 -22.95 25.68 -9.88
C GLN B 140 -22.01 25.50 -8.71
N PHE B 141 -22.53 25.05 -7.57
CA PHE B 141 -21.79 24.86 -6.34
C PHE B 141 -21.80 23.38 -6.01
N SER B 142 -20.92 22.95 -5.11
CA SER B 142 -20.77 21.52 -4.79
C SER B 142 -20.83 21.24 -3.31
N TYR B 143 -21.70 20.29 -2.94
CA TYR B 143 -21.91 19.82 -1.58
C TYR B 143 -20.92 18.72 -1.23
N VAL B 144 -20.29 18.84 -0.06
CA VAL B 144 -19.45 17.78 0.50
C VAL B 144 -19.80 17.63 1.98
N ASP B 145 -19.70 16.39 2.49
CA ASP B 145 -19.86 16.18 3.93
C ASP B 145 -18.93 15.09 4.46
N SER B 146 -19.02 14.87 5.77
CA SER B 146 -18.10 13.98 6.46
C SER B 146 -18.15 12.56 5.90
N SER B 147 -19.35 12.11 5.53
CA SER B 147 -19.59 10.69 5.29
C SER B 147 -19.36 10.25 3.85
N MET B 148 -19.29 11.18 2.89
CA MET B 148 -19.23 10.78 1.50
C MET B 148 -18.00 9.93 1.23
N THR B 149 -18.20 8.87 0.48
CA THR B 149 -17.12 7.95 0.15
C THR B 149 -16.63 8.23 -1.24
N THR B 150 -15.43 7.77 -1.52
CA THR B 150 -14.81 7.95 -2.82
C THR B 150 -15.08 6.76 -3.74
N VAL B 151 -14.99 7.04 -5.05
CA VAL B 151 -15.06 5.98 -6.08
C VAL B 151 -14.18 4.80 -5.69
N GLN B 152 -12.93 5.07 -5.25
CA GLN B 152 -12.03 3.97 -4.93
C GLN B 152 -12.45 3.25 -3.66
N GLU B 153 -12.95 3.99 -2.66
CA GLU B 153 -13.52 3.32 -1.48
C GLU B 153 -14.64 2.37 -1.91
N ASN B 154 -15.53 2.83 -2.80
CA ASN B 154 -16.67 2.01 -3.21
C ASN B 154 -16.24 0.75 -3.96
N GLU B 155 -15.08 0.79 -4.64
CA GLU B 155 -14.57 -0.41 -5.30
C GLU B 155 -14.15 -1.48 -4.31
N LEU B 156 -13.79 -1.10 -3.09
CA LEU B 156 -13.24 -2.03 -2.10
C LEU B 156 -14.30 -2.53 -1.13
N SER B 161 -22.26 3.22 -0.97
CA SER B 161 -22.22 2.49 -2.23
C SER B 161 -23.03 3.22 -3.31
N ASP B 162 -23.70 4.30 -2.91
CA ASP B 162 -24.52 5.09 -3.84
C ASP B 162 -23.63 5.93 -4.75
N PRO B 163 -23.59 5.66 -6.06
CA PRO B 163 -22.64 6.38 -6.93
C PRO B 163 -22.92 7.88 -7.08
N ALA B 164 -24.17 8.33 -6.91
CA ALA B 164 -24.51 9.73 -7.16
C ALA B 164 -23.88 10.66 -6.12
N HIS B 165 -23.61 10.14 -4.93
CA HIS B 165 -23.13 10.90 -3.79
C HIS B 165 -21.65 10.61 -3.48
N SER B 166 -20.89 10.16 -4.48
CA SER B 166 -19.50 9.79 -4.32
C SER B 166 -18.57 10.96 -4.62
N LEU B 167 -17.35 10.89 -4.07
CA LEU B 167 -16.27 11.80 -4.44
C LEU B 167 -15.43 11.11 -5.51
N ASN B 168 -15.46 11.64 -6.74
N ASN B 168 -15.45 11.66 -6.73
CA ASN B 168 -14.83 10.99 -7.89
CA ASN B 168 -14.83 11.05 -7.91
C ASN B 168 -13.39 11.46 -8.10
C ASN B 168 -13.39 11.50 -8.09
N TYR B 169 -12.58 11.22 -7.08
CA TYR B 169 -11.17 11.53 -7.17
C TYR B 169 -10.51 10.55 -8.15
N THR B 170 -9.33 10.92 -8.63
CA THR B 170 -8.57 10.08 -9.53
C THR B 170 -8.02 8.88 -8.76
N VAL B 171 -8.36 7.67 -9.21
CA VAL B 171 -7.89 6.46 -8.53
C VAL B 171 -6.39 6.30 -8.69
N ILE B 172 -5.70 6.16 -7.56
CA ILE B 172 -4.27 5.88 -7.51
C ILE B 172 -4.08 4.58 -6.74
N ASN B 173 -3.35 3.63 -7.32
CA ASN B 173 -3.18 2.33 -6.66
C ASN B 173 -1.81 1.80 -7.08
N PHE B 174 -0.90 1.67 -6.12
CA PHE B 174 0.51 1.39 -6.43
C PHE B 174 0.73 -0.07 -6.85
N LYS B 175 -0.23 -0.93 -6.58
CA LYS B 175 -0.16 -2.34 -7.00
C LYS B 175 -1.32 -2.58 -7.95
N SER B 176 -1.22 -1.99 -9.13
CA SER B 176 -2.25 -2.06 -10.15
C SER B 176 -1.55 -2.13 -11.50
N ARG B 177 -2.22 -2.71 -12.49
CA ARG B 177 -1.62 -2.74 -13.81
C ARG B 177 -1.43 -1.35 -14.38
N GLU B 178 -2.22 -0.37 -13.95
CA GLU B 178 -1.99 1.00 -14.44
C GLU B 178 -0.65 1.50 -13.94
N ALA B 179 -0.27 1.09 -12.75
CA ALA B 179 0.93 1.62 -12.12
C ALA B 179 2.19 0.87 -12.50
N ILE B 180 2.07 -0.31 -13.11
CA ILE B 180 3.20 -1.22 -13.26
C ILE B 180 3.24 -1.69 -14.69
N ARG B 181 4.32 -1.35 -15.40
CA ARG B 181 4.51 -1.76 -16.78
C ARG B 181 4.91 -3.23 -16.82
N PRO B 182 4.19 -4.09 -17.55
CA PRO B 182 4.67 -5.46 -17.76
C PRO B 182 6.15 -5.48 -18.07
N GLY B 183 6.92 -6.25 -17.31
CA GLY B 183 8.34 -6.31 -17.51
C GLY B 183 9.15 -5.26 -16.80
N HIS B 184 8.52 -4.24 -16.21
CA HIS B 184 9.22 -3.26 -15.40
C HIS B 184 8.77 -3.34 -13.95
N GLU B 185 8.38 -4.53 -13.50
CA GLU B 185 7.74 -4.70 -12.19
C GLU B 185 8.55 -4.07 -11.07
N MET B 186 9.79 -4.50 -10.91
CA MET B 186 10.57 -3.98 -9.79
C MET B 186 10.89 -2.51 -10.02
N GLU B 187 11.26 -2.15 -11.24
CA GLU B 187 11.62 -0.77 -11.53
C GLU B 187 10.48 0.17 -11.20
N ASP B 188 9.29 -0.15 -11.70
CA ASP B 188 8.16 0.76 -11.54
C ASP B 188 7.60 0.78 -10.12
N PHE B 189 7.73 -0.33 -9.37
CA PHE B 189 7.20 -0.35 -8.01
C PHE B 189 8.10 0.46 -7.08
N LEU B 190 9.39 0.40 -7.32
CA LEU B 190 10.36 1.07 -6.45
C LEU B 190 10.59 2.54 -6.86
N ASP B 191 10.40 2.89 -8.12
CA ASP B 191 10.54 4.26 -8.66
C ASP B 191 9.26 4.53 -9.44
N LYS B 192 8.35 5.29 -8.84
CA LYS B 192 7.04 5.49 -9.46
C LYS B 192 7.03 6.57 -10.54
N SER B 193 8.19 6.98 -11.09
CA SER B 193 8.24 8.11 -12.03
C SER B 193 7.36 7.88 -13.26
N TYR B 194 7.31 6.65 -13.80
N TYR B 194 7.36 6.65 -13.80
N TYR B 194 7.35 6.66 -13.80
CA TYR B 194 6.51 6.47 -15.01
CA TYR B 194 6.53 6.33 -14.95
CA TYR B 194 6.53 6.40 -14.98
C TYR B 194 5.03 6.60 -14.70
C TYR B 194 5.07 6.63 -14.66
C TYR B 194 5.05 6.64 -14.67
N TYR B 195 4.59 6.09 -13.54
CA TYR B 195 3.20 6.27 -13.14
C TYR B 195 2.87 7.75 -12.92
N LEU B 196 3.75 8.49 -12.23
CA LEU B 196 3.52 9.93 -12.01
C LEU B 196 3.48 10.69 -13.32
N ASN B 197 4.56 10.57 -14.11
CA ASN B 197 4.81 11.50 -15.20
C ASN B 197 4.07 11.12 -16.48
N THR B 198 4.09 9.84 -16.84
CA THR B 198 3.41 9.39 -18.07
C THR B 198 1.93 9.13 -17.83
N VAL B 199 1.63 8.24 -16.87
CA VAL B 199 0.26 7.82 -16.67
C VAL B 199 -0.57 8.98 -16.11
N MET B 200 -0.10 9.59 -15.03
CA MET B 200 -0.97 10.53 -14.31
C MET B 200 -0.85 11.94 -14.85
N LEU B 201 0.38 12.47 -14.96
CA LEU B 201 0.53 13.86 -15.38
C LEU B 201 0.21 14.01 -16.88
N GLN B 202 0.94 13.31 -17.74
N GLN B 202 0.92 13.29 -17.74
CA GLN B 202 0.68 13.40 -19.18
CA GLN B 202 0.69 13.42 -19.18
C GLN B 202 -0.70 12.87 -19.53
C GLN B 202 -0.67 12.84 -19.58
N GLY B 203 -0.99 11.64 -19.08
CA GLY B 203 -2.23 10.98 -19.47
C GLY B 203 -3.55 11.46 -18.88
N ILE B 204 -3.62 11.63 -17.56
CA ILE B 204 -4.90 11.83 -16.88
C ILE B 204 -5.10 13.28 -16.47
N PHE B 205 -4.12 13.87 -15.78
CA PHE B 205 -4.29 15.23 -15.30
C PHE B 205 -3.95 16.28 -16.34
N LYS B 206 -3.09 15.93 -17.30
CA LYS B 206 -2.64 16.79 -18.40
C LYS B 206 -1.51 17.72 -17.96
N ASN B 207 -1.54 18.22 -16.73
CA ASN B 207 -0.49 19.12 -16.27
C ASN B 207 -0.42 19.05 -14.74
N SER B 208 0.67 19.59 -14.18
CA SER B 208 0.83 19.50 -12.74
C SER B 208 -0.16 20.42 -12.01
N SER B 209 -0.62 21.49 -12.65
CA SER B 209 -1.62 22.34 -11.99
C SER B 209 -2.90 21.58 -11.64
N ASN B 210 -3.43 20.77 -12.57
CA ASN B 210 -4.63 20.00 -12.26
C ASN B 210 -4.37 18.94 -11.18
N TYR B 211 -3.18 18.33 -11.20
CA TYR B 211 -2.76 17.40 -10.15
C TYR B 211 -2.75 18.09 -8.79
N PHE B 212 -2.08 19.24 -8.69
CA PHE B 212 -2.02 19.95 -7.43
C PHE B 212 -3.39 20.42 -6.99
N GLY B 213 -4.24 20.79 -7.95
CA GLY B 213 -5.60 21.20 -7.60
C GLY B 213 -6.38 20.10 -6.91
N GLU B 214 -6.30 18.87 -7.42
CA GLU B 214 -6.99 17.76 -6.77
C GLU B 214 -6.38 17.47 -5.40
N LEU B 215 -5.04 17.51 -5.31
CA LEU B 215 -4.35 17.31 -4.04
C LEU B 215 -4.82 18.34 -3.00
N GLN B 216 -4.89 19.61 -3.39
CA GLN B 216 -5.33 20.64 -2.46
C GLN B 216 -6.80 20.48 -2.07
N PHE B 217 -7.67 20.13 -3.02
CA PHE B 217 -9.08 19.95 -2.73
C PHE B 217 -9.29 18.76 -1.79
N ALA B 218 -8.51 17.69 -2.00
CA ALA B 218 -8.58 16.53 -1.13
C ALA B 218 -8.15 16.89 0.29
N PHE B 219 -7.05 17.63 0.46
CA PHE B 219 -6.67 18.06 1.81
C PHE B 219 -7.78 18.88 2.45
N LEU B 220 -8.38 19.81 1.71
CA LEU B 220 -9.33 20.71 2.34
C LEU B 220 -10.60 19.96 2.80
N ASN B 221 -11.06 18.99 2.01
CA ASN B 221 -12.21 18.19 2.42
CA ASN B 221 -12.20 18.18 2.41
C ASN B 221 -11.85 17.33 3.63
N ALA B 222 -10.61 16.83 3.66
CA ALA B 222 -10.12 15.99 4.77
C ALA B 222 -10.14 16.80 6.06
N MET B 223 -9.56 18.00 6.04
CA MET B 223 -9.45 18.89 7.22
C MET B 223 -10.78 19.50 7.64
N PHE B 224 -11.57 20.00 6.71
CA PHE B 224 -12.80 20.74 7.06
C PHE B 224 -13.94 19.82 7.48
N PHE B 225 -14.08 18.68 6.81
CA PHE B 225 -15.20 17.77 7.08
C PHE B 225 -14.74 16.43 7.60
N GLY B 226 -13.46 16.30 7.93
CA GLY B 226 -12.99 14.99 8.40
C GLY B 226 -13.33 13.86 7.46
N ASN B 227 -13.31 14.12 6.17
CA ASN B 227 -13.64 13.13 5.17
C ASN B 227 -12.48 12.16 5.00
N TYR B 228 -12.66 10.93 5.47
CA TYR B 228 -11.53 10.01 5.55
C TYR B 228 -10.98 9.66 4.18
N GLY B 229 -11.84 9.45 3.19
CA GLY B 229 -11.36 9.07 1.86
C GLY B 229 -10.63 10.20 1.16
N SER B 230 -11.02 11.44 1.48
CA SER B 230 -10.24 12.58 1.05
C SER B 230 -8.83 12.56 1.63
N SER B 231 -8.72 12.22 2.92
CA SER B 231 -7.39 12.14 3.49
C SER B 231 -6.56 11.06 2.82
N LEU B 232 -7.17 9.92 2.50
CA LEU B 232 -6.45 8.87 1.76
C LEU B 232 -5.95 9.39 0.42
N GLN B 233 -6.77 10.18 -0.27
CA GLN B 233 -6.41 10.68 -1.58
C GLN B 233 -5.25 11.66 -1.45
N TRP B 234 -5.35 12.63 -0.53
CA TRP B 234 -4.27 13.59 -0.29
C TRP B 234 -2.95 12.85 -0.02
N HIS B 235 -2.96 11.86 0.87
CA HIS B 235 -1.70 11.15 1.13
C HIS B 235 -1.19 10.37 -0.07
N ALA B 236 -2.10 9.75 -0.83
CA ALA B 236 -1.64 9.00 -2.01
C ALA B 236 -0.95 9.91 -3.02
N MET B 237 -1.50 11.11 -3.21
CA MET B 237 -0.93 12.00 -4.22
C MET B 237 0.42 12.56 -3.79
N ILE B 238 0.63 12.73 -2.50
CA ILE B 238 1.94 13.10 -1.97
C ILE B 238 2.91 11.95 -2.15
N GLU B 239 2.49 10.79 -1.72
CA GLU B 239 3.37 9.62 -1.80
C GLU B 239 3.76 9.29 -3.23
N LEU B 240 2.85 9.47 -4.20
CA LEU B 240 3.25 9.21 -5.59
C LEU B 240 4.38 10.13 -6.05
N ILE B 241 4.35 11.41 -5.65
CA ILE B 241 5.45 12.30 -5.98
C ILE B 241 6.72 11.92 -5.24
N CYS B 242 6.61 11.69 -3.94
CA CYS B 242 7.81 11.46 -3.14
C CYS B 242 8.52 10.17 -3.54
N SER B 243 7.76 9.17 -4.00
CA SER B 243 8.27 7.88 -4.42
C SER B 243 8.70 7.84 -5.88
N SER B 244 8.71 8.99 -6.55
CA SER B 244 9.22 9.09 -7.90
C SER B 244 10.63 9.67 -7.87
N ALA B 245 11.59 8.97 -8.51
CA ALA B 245 12.96 9.48 -8.60
C ALA B 245 13.06 10.70 -9.49
N THR B 246 12.20 10.82 -10.50
CA THR B 246 12.33 11.86 -11.52
C THR B 246 11.07 12.72 -11.47
N VAL B 247 11.21 13.90 -10.91
CA VAL B 247 10.10 14.84 -10.79
C VAL B 247 10.61 16.20 -11.28
N PRO B 248 9.85 16.86 -12.14
CA PRO B 248 10.24 18.24 -12.54
C PRO B 248 10.55 19.12 -11.32
N LYS B 249 11.64 19.87 -11.44
CA LYS B 249 12.13 20.65 -10.30
C LYS B 249 11.10 21.66 -9.83
N HIS B 250 10.31 22.21 -10.76
CA HIS B 250 9.30 23.19 -10.38
C HIS B 250 8.17 22.53 -9.61
N MET B 251 7.91 21.25 -9.87
CA MET B 251 6.86 20.58 -9.12
C MET B 251 7.29 20.36 -7.68
N LEU B 252 8.54 19.96 -7.48
CA LEU B 252 9.02 19.73 -6.13
C LEU B 252 9.00 21.00 -5.32
N ASP B 253 9.45 22.09 -5.93
CA ASP B 253 9.41 23.37 -5.22
C ASP B 253 7.99 23.77 -4.89
N LYS B 254 7.05 23.58 -5.83
CA LYS B 254 5.68 23.97 -5.52
C LYS B 254 5.06 23.05 -4.47
N LEU B 255 5.31 21.74 -4.58
CA LEU B 255 4.83 20.81 -3.58
C LEU B 255 5.27 21.22 -2.18
N ASP B 256 6.55 21.57 -2.03
CA ASP B 256 7.03 21.97 -0.70
C ASP B 256 6.20 23.13 -0.17
N GLU B 257 5.88 24.10 -1.04
CA GLU B 257 5.07 25.25 -0.61
C GLU B 257 3.64 24.81 -0.27
N ILE B 258 3.06 23.96 -1.10
CA ILE B 258 1.71 23.49 -0.87
C ILE B 258 1.59 22.84 0.49
N LEU B 259 2.43 21.84 0.73
CA LEU B 259 2.37 21.06 1.95
C LEU B 259 2.66 21.93 3.14
N TYR B 260 3.60 22.88 2.98
CA TYR B 260 3.95 23.74 4.10
C TYR B 260 2.71 24.45 4.63
N TYR B 261 1.92 25.05 3.75
CA TYR B 261 0.72 25.78 4.19
C TYR B 261 -0.41 24.85 4.67
N GLN B 262 -0.49 23.62 4.17
CA GLN B 262 -1.45 22.68 4.69
C GLN B 262 -1.11 22.33 6.12
N ILE B 263 0.16 21.97 6.37
CA ILE B 263 0.56 21.61 7.73
C ILE B 263 0.45 22.84 8.63
N LYS B 264 0.67 24.04 8.12
CA LYS B 264 0.61 25.26 8.97
C LYS B 264 -0.82 25.57 9.41
N THR B 265 -1.81 25.23 8.59
CA THR B 265 -3.24 25.55 8.83
C THR B 265 -3.95 24.44 9.63
N LEU B 266 -3.63 23.18 9.30
CA LEU B 266 -4.20 21.96 9.91
C LEU B 266 -4.24 22.18 11.42
N PRO B 267 -5.38 22.33 12.09
CA PRO B 267 -5.37 22.52 13.54
C PRO B 267 -4.64 21.33 14.19
N GLU B 268 -4.05 21.66 15.31
CA GLU B 268 -3.09 20.83 16.06
C GLU B 268 -3.76 19.53 16.51
N GLN B 269 -5.04 19.60 16.88
CA GLN B 269 -5.92 18.51 17.38
C GLN B 269 -6.27 17.46 16.33
N TYR B 270 -6.30 17.80 15.05
CA TYR B 270 -6.74 16.90 13.95
C TYR B 270 -5.60 16.00 13.47
N SER B 271 -4.37 16.36 13.78
CA SER B 271 -3.16 15.64 13.29
C SER B 271 -3.21 14.18 13.69
N ASP B 272 -3.65 13.87 14.91
CA ASP B 272 -3.80 12.50 15.46
C ASP B 272 -4.35 11.56 14.39
N ILE B 273 -5.51 11.90 13.83
CA ILE B 273 -6.37 11.10 12.91
C ILE B 273 -6.01 11.37 11.44
N LEU B 274 -5.75 12.63 11.05
CA LEU B 274 -5.49 12.92 9.62
C LEU B 274 -4.09 12.47 9.20
N LEU B 275 -3.02 12.98 9.80
CA LEU B 275 -1.67 12.70 9.31
C LEU B 275 -1.39 11.18 9.37
N ASN B 276 -0.90 10.59 8.28
CA ASN B 276 -0.50 9.19 8.22
C ASN B 276 1.00 9.09 8.46
N GLU B 277 1.36 8.66 9.68
CA GLU B 277 2.76 8.47 10.06
C GLU B 277 3.63 7.84 8.97
N ARG B 278 3.13 6.78 8.34
CA ARG B 278 3.97 6.04 7.40
C ARG B 278 4.32 6.89 6.19
N VAL B 279 3.32 7.56 5.63
CA VAL B 279 3.54 8.36 4.44
C VAL B 279 4.53 9.48 4.74
N TRP B 280 4.33 10.17 5.87
CA TRP B 280 5.15 11.35 6.17
C TRP B 280 6.58 10.95 6.47
N ASN B 281 6.78 9.92 7.30
CA ASN B 281 8.14 9.47 7.59
C ASN B 281 8.81 8.93 6.34
N ILE B 282 8.09 8.15 5.52
CA ILE B 282 8.67 7.70 4.26
C ILE B 282 9.04 8.89 3.39
N CYS B 283 8.14 9.89 3.32
CA CYS B 283 8.35 10.99 2.38
C CYS B 283 9.50 11.90 2.83
N LEU B 284 9.56 12.23 4.12
CA LEU B 284 10.56 13.20 4.60
C LEU B 284 11.94 12.58 4.82
N TYR B 285 12.01 11.26 5.00
CA TYR B 285 13.22 10.61 5.51
C TYR B 285 13.69 9.41 4.71
N SER B 286 12.82 8.73 3.96
CA SER B 286 13.23 7.55 3.18
C SER B 286 13.21 7.77 1.68
N SER B 287 12.31 8.60 1.16
CA SER B 287 11.98 8.58 -0.25
C SER B 287 13.04 9.31 -1.07
N PHE B 288 12.88 9.20 -2.39
CA PHE B 288 13.75 9.90 -3.32
C PHE B 288 13.79 11.39 -3.03
N GLN B 289 12.65 11.95 -2.62
CA GLN B 289 12.53 13.40 -2.42
C GLN B 289 12.73 13.78 -0.96
N LYS B 290 13.33 12.89 -0.17
CA LYS B 290 13.60 13.13 1.24
C LYS B 290 14.31 14.46 1.49
N ASN B 291 15.06 14.94 0.51
CA ASN B 291 15.90 16.12 0.68
C ASN B 291 15.35 17.32 -0.05
N SER B 292 14.14 17.23 -0.59
CA SER B 292 13.59 18.23 -1.49
C SER B 292 12.42 18.98 -0.89
N LEU B 293 12.09 18.77 0.38
CA LEU B 293 10.92 19.40 0.99
C LEU B 293 11.38 20.12 2.26
N HIS B 294 12.23 21.13 2.07
CA HIS B 294 12.89 21.77 3.22
C HIS B 294 11.89 22.49 4.10
N ASN B 295 11.00 23.28 3.49
CA ASN B 295 10.04 24.01 4.31
C ASN B 295 9.07 23.07 5.00
N THR B 296 8.59 22.06 4.28
CA THR B 296 7.66 21.13 4.88
C THR B 296 8.32 20.33 6.00
N GLU B 297 9.56 19.87 5.79
CA GLU B 297 10.25 19.11 6.83
C GLU B 297 10.48 19.95 8.07
N LYS B 298 10.84 21.23 7.89
CA LYS B 298 11.09 22.08 9.04
C LYS B 298 9.81 22.32 9.85
N ILE B 299 8.67 22.59 9.19
CA ILE B 299 7.49 22.86 10.00
C ILE B 299 6.95 21.56 10.62
N MET B 300 7.05 20.43 9.92
CA MET B 300 6.64 19.15 10.50
C MET B 300 7.44 18.83 11.76
N GLU B 301 8.77 18.97 11.70
CA GLU B 301 9.63 18.69 12.86
C GLU B 301 9.38 19.66 14.02
N ASN B 302 9.07 20.91 13.73
CA ASN B 302 8.85 21.92 14.79
C ASN B 302 7.41 21.87 15.32
N LYS B 303 6.46 21.34 14.55
CA LYS B 303 5.04 21.32 15.01
C LYS B 303 4.66 19.94 15.53
N TYR B 304 4.95 18.90 14.76
CA TYR B 304 4.60 17.48 15.07
C TYR B 304 5.84 16.60 15.12
N PRO B 305 6.76 16.75 16.09
CA PRO B 305 7.93 15.89 16.19
C PRO B 305 7.55 14.52 16.76
N GLU B 306 6.33 14.38 17.33
CA GLU B 306 5.88 13.12 17.88
C GLU B 306 5.56 12.13 16.77
N LEU B 307 4.84 12.60 15.77
CA LEU B 307 4.53 11.82 14.58
C LEU B 307 5.81 11.17 14.03
N LEU B 308 6.91 11.90 14.12
CA LEU B 308 8.14 11.46 13.50
C LEU B 308 9.13 10.91 14.52
C7 VXW C . -13.35 21.93 11.06
C8 VXW C . -15.31 23.02 12.11
C9 VXW C . -16.75 23.46 11.96
O1 VXW C . -15.92 25.34 10.79
C1 VXW C . -10.37 24.78 10.12
C5 VXW C . -11.01 22.54 10.53
C6 VXW C . -10.03 23.45 10.23
C4 VXW C . -12.31 22.94 10.72
C3 VXW C . -12.65 24.26 10.60
C2 VXW C . -11.67 25.19 10.30
C10 VXW C . -16.89 24.70 11.12
C11 VXW C . -18.27 25.10 10.78
O VXW C . -14.74 23.17 13.16
N VXW C . -14.72 22.44 11.03
C VXW C . -9.32 25.74 9.77
#